data_6IF0
#
_entry.id   6IF0
#
_cell.length_a   59.825
_cell.length_b   59.825
_cell.length_c   152.593
_cell.angle_alpha   90.000
_cell.angle_beta   90.000
_cell.angle_gamma   90.000
#
_symmetry.space_group_name_H-M   'P 41 21 2'
#
loop_
_entity.id
_entity.type
_entity.pdbx_description
1 polymer 'LIPID-TRANSFER PROTEIN CERT'
2 non-polymer "2-({4'-pentyl-3'-[(Z)-2-(pyridin-2-yl)ethenyl][1,1'-biphenyl]-4-yl}sulfonyl)ethan-1-ol"
3 water water
#
_entity_poly.entity_id   1
_entity_poly.type   'polypeptide(L)'
_entity_poly.pdbx_seq_one_letter_code
;GPTHRFVQKVEEMVQNHMTYSLQDVGGDANWQLVVEEGEMKVYRREVEENGIVLDPLKATHAVKGVTGHEVCNYFWNVDV
RNDWETTIENFHVVETLADNAIIIYQTHKRVWPASQRDVLYLSVIRKIPALTENDPETWIVCNFSVDHDSAPLNNRCVRA
KINVAMICQTLVSPPEGNQEISRDNILCKITYVANVNPGGWAPASVLRAVAKREYPKFLKRFTSYVQEKTAGKPILF
;
_entity_poly.pdbx_strand_id   A
#
loop_
_chem_comp.id
_chem_comp.type
_chem_comp.name
_chem_comp.formula
A59 non-polymer 2-({4'-pentyl-3'-[(Z)-2-(pyridin-2-yl)ethenyl][1,1'-biphenyl]-4-yl}sulfonyl)ethan-1-ol 'C26 H29 N O3 S'
#
# COMPACT_ATOMS: atom_id res chain seq x y z
N THR A 3 -1.65 -22.24 6.97
CA THR A 3 -0.66 -22.17 8.09
C THR A 3 0.74 -22.25 7.53
N HIS A 4 1.38 -21.09 7.42
CA HIS A 4 2.79 -20.94 7.13
C HIS A 4 3.40 -20.28 8.35
N ARG A 5 4.72 -20.10 8.35
CA ARG A 5 5.42 -19.71 9.56
C ARG A 5 5.22 -18.22 9.89
N PHE A 6 4.48 -17.48 9.05
CA PHE A 6 4.28 -16.04 9.32
C PHE A 6 2.84 -15.75 9.75
N VAL A 7 2.02 -16.79 9.99
CA VAL A 7 0.59 -16.56 10.21
C VAL A 7 0.40 -15.62 11.39
N GLN A 8 1.20 -15.81 12.44
CA GLN A 8 0.99 -15.04 13.65
C GLN A 8 1.47 -13.60 13.44
N LYS A 9 2.57 -13.43 12.72
CA LYS A 9 3.09 -12.08 12.49
C LYS A 9 2.12 -11.30 11.61
N VAL A 10 1.61 -11.97 10.57
CA VAL A 10 0.58 -11.43 9.71
C VAL A 10 -0.60 -10.94 10.53
N GLU A 11 -1.09 -11.79 11.45
CA GLU A 11 -2.27 -11.42 12.22
C GLU A 11 -2.01 -10.14 13.02
N GLU A 12 -0.83 -10.04 13.61
CA GLU A 12 -0.44 -8.88 14.38
C GLU A 12 -0.40 -7.63 13.50
N MET A 13 0.23 -7.75 12.30
CA MET A 13 0.39 -6.57 11.45
C MET A 13 -0.98 -6.11 10.97
N VAL A 14 -1.84 -7.05 10.59
CA VAL A 14 -3.16 -6.72 10.11
C VAL A 14 -4.01 -6.05 11.20
N GLN A 15 -3.88 -6.55 12.44
CA GLN A 15 -4.70 -6.06 13.54
C GLN A 15 -4.29 -4.66 13.93
N ASN A 16 -2.98 -4.41 13.92
CA ASN A 16 -2.45 -3.07 14.17
C ASN A 16 -3.00 -2.06 13.18
N HIS A 17 -3.01 -2.44 11.91
CA HIS A 17 -3.58 -1.58 10.88
C HIS A 17 -5.09 -1.39 11.10
N MET A 18 -5.80 -2.45 11.45
CA MET A 18 -7.23 -2.29 11.69
C MET A 18 -7.47 -1.37 12.89
N THR A 19 -6.63 -1.48 13.92
CA THR A 19 -6.76 -0.70 15.15
C THR A 19 -6.36 0.76 14.93
N TYR A 20 -5.25 1.01 14.21
CA TYR A 20 -4.67 2.33 14.19
C TYR A 20 -4.79 2.99 12.82
N SER A 21 -4.54 2.23 11.75
CA SER A 21 -4.38 2.88 10.45
C SER A 21 -5.71 3.40 9.91
N LEU A 22 -6.83 2.76 10.28
CA LEU A 22 -8.12 3.12 9.73
C LEU A 22 -8.64 4.44 10.30
N GLN A 23 -8.13 4.88 11.45
CA GLN A 23 -8.69 6.04 12.11
C GLN A 23 -8.64 7.27 11.21
N ASP A 24 -9.73 8.05 11.23
CA ASP A 24 -9.81 9.26 10.44
C ASP A 24 -8.85 10.29 11.02
N VAL A 25 -8.13 11.01 10.18
CA VAL A 25 -7.18 11.99 10.68
C VAL A 25 -7.61 13.43 10.31
N GLY A 26 -8.83 13.60 9.77
CA GLY A 26 -9.38 14.93 9.51
C GLY A 26 -9.24 15.87 10.71
N GLY A 27 -9.59 15.36 11.91
CA GLY A 27 -9.54 16.15 13.13
C GLY A 27 -8.17 16.15 13.82
N ASP A 28 -7.17 15.49 13.23
CA ASP A 28 -5.91 15.32 13.95
C ASP A 28 -4.79 16.17 13.36
N ALA A 29 -4.44 17.27 14.07
CA ALA A 29 -3.43 18.25 13.67
C ALA A 29 -2.03 17.64 13.60
N ASN A 30 -1.85 16.42 14.09
CA ASN A 30 -0.53 15.80 14.04
C ASN A 30 -0.20 15.36 12.62
N TRP A 31 -1.23 15.11 11.81
CA TRP A 31 -1.02 14.78 10.40
C TRP A 31 -1.03 16.05 9.57
N GLN A 32 -0.04 16.21 8.71
CA GLN A 32 -0.04 17.38 7.88
C GLN A 32 -0.68 16.97 6.55
N LEU A 33 -1.76 17.66 6.15
CA LEU A 33 -2.37 17.42 4.84
C LEU A 33 -1.49 18.10 3.78
N VAL A 34 -0.91 17.28 2.89
CA VAL A 34 0.12 17.74 1.97
C VAL A 34 -0.49 18.05 0.61
N VAL A 35 -1.36 17.15 0.11
CA VAL A 35 -1.93 17.28 -1.21
C VAL A 35 -3.39 16.83 -1.11
N GLU A 36 -4.33 17.59 -1.70
CA GLU A 36 -5.70 17.11 -1.83
C GLU A 36 -6.11 17.24 -3.29
N GLU A 37 -6.66 16.18 -3.86
CA GLU A 37 -7.22 16.25 -5.21
C GLU A 37 -8.58 15.56 -5.16
N GLY A 38 -9.62 16.33 -4.90
CA GLY A 38 -10.95 15.75 -4.74
C GLY A 38 -11.05 14.97 -3.42
N GLU A 39 -11.38 13.68 -3.55
CA GLU A 39 -11.55 12.77 -2.44
C GLU A 39 -10.18 12.21 -2.00
N MET A 40 -9.19 12.39 -2.88
CA MET A 40 -7.83 11.98 -2.57
C MET A 40 -7.17 13.02 -1.66
N LYS A 41 -6.82 12.54 -0.46
CA LYS A 41 -6.23 13.34 0.59
C LYS A 41 -4.96 12.64 1.07
N VAL A 42 -3.82 13.33 0.98
CA VAL A 42 -2.54 12.70 1.26
C VAL A 42 -1.88 13.47 2.39
N TYR A 43 -1.57 12.76 3.48
CA TYR A 43 -0.97 13.40 4.63
C TYR A 43 0.37 12.76 4.97
N ARG A 44 1.18 13.52 5.72
CA ARG A 44 2.41 12.94 6.21
C ARG A 44 2.68 13.49 7.62
N ARG A 45 3.60 12.82 8.33
CA ARG A 45 4.23 13.39 9.51
C ARG A 45 5.70 13.53 9.22
N GLU A 46 6.30 14.62 9.70
CA GLU A 46 7.70 14.82 9.42
C GLU A 46 8.50 14.12 10.51
N VAL A 47 9.18 13.02 10.17
CA VAL A 47 9.84 12.25 11.20
C VAL A 47 11.23 11.89 10.66
N GLU A 48 12.27 12.04 11.48
CA GLU A 48 13.57 11.58 11.02
C GLU A 48 14.18 10.74 12.12
N GLU A 49 14.84 9.66 11.74
CA GLU A 49 15.57 8.91 12.75
C GLU A 49 17.04 8.83 12.32
N ASN A 50 17.92 9.23 13.24
CA ASN A 50 19.34 9.21 12.96
C ASN A 50 19.60 9.97 11.65
N GLY A 51 18.90 11.09 11.45
CA GLY A 51 19.07 11.95 10.28
C GLY A 51 18.49 11.38 8.98
N ILE A 52 17.77 10.26 9.05
CA ILE A 52 17.15 9.68 7.87
C ILE A 52 15.66 9.97 7.90
N VAL A 53 15.11 10.48 6.81
CA VAL A 53 13.67 10.76 6.76
C VAL A 53 12.86 9.45 6.80
N LEU A 54 11.90 9.32 7.71
CA LEU A 54 11.00 8.18 7.78
C LEU A 54 9.56 8.58 7.49
N ASP A 55 9.32 9.89 7.30
CA ASP A 55 8.00 10.49 7.20
C ASP A 55 6.88 9.48 6.93
N PRO A 56 6.07 9.10 7.95
CA PRO A 56 4.88 8.27 7.73
C PRO A 56 3.98 8.93 6.66
N LEU A 57 3.41 8.12 5.76
CA LEU A 57 2.49 8.58 4.73
C LEU A 57 1.14 7.95 5.04
N LYS A 58 0.09 8.75 4.99
CA LYS A 58 -1.27 8.25 5.15
C LYS A 58 -2.17 9.00 4.17
N ALA A 59 -2.97 8.26 3.41
CA ALA A 59 -3.81 8.86 2.39
C ALA A 59 -5.19 8.22 2.47
N THR A 60 -6.21 9.03 2.16
CA THR A 60 -7.52 8.46 1.96
C THR A 60 -7.97 8.80 0.54
N HIS A 61 -8.94 8.03 0.07
CA HIS A 61 -9.43 8.21 -1.28
C HIS A 61 -10.81 7.58 -1.33
N ALA A 62 -11.61 8.02 -2.30
CA ALA A 62 -12.92 7.42 -2.52
C ALA A 62 -13.09 7.25 -4.02
N VAL A 63 -13.23 5.99 -4.43
CA VAL A 63 -13.12 5.60 -5.82
C VAL A 63 -14.45 5.02 -6.23
N LYS A 64 -15.08 5.64 -7.24
CA LYS A 64 -16.39 5.23 -7.70
C LYS A 64 -16.26 3.98 -8.58
N GLY A 65 -17.24 3.09 -8.47
CA GLY A 65 -17.34 2.03 -9.45
C GLY A 65 -16.56 0.75 -9.14
N VAL A 66 -15.86 0.67 -8.01
CA VAL A 66 -15.09 -0.53 -7.74
C VAL A 66 -15.36 -0.90 -6.30
N THR A 67 -15.07 -2.18 -5.97
CA THR A 67 -15.19 -2.67 -4.62
C THR A 67 -13.82 -2.77 -3.97
N GLY A 68 -13.83 -2.86 -2.64
CA GLY A 68 -12.63 -3.07 -1.86
C GLY A 68 -11.95 -4.38 -2.24
N HIS A 69 -12.78 -5.42 -2.46
CA HIS A 69 -12.24 -6.71 -2.86
C HIS A 69 -11.47 -6.57 -4.18
N GLU A 70 -12.06 -5.87 -5.14
CA GLU A 70 -11.41 -5.68 -6.42
C GLU A 70 -10.13 -4.85 -6.23
N VAL A 71 -10.23 -3.71 -5.56
CA VAL A 71 -9.04 -2.88 -5.34
C VAL A 71 -7.92 -3.73 -4.73
N CYS A 72 -8.23 -4.47 -3.66
CA CYS A 72 -7.20 -5.28 -3.01
C CYS A 72 -6.66 -6.39 -3.92
N ASN A 73 -7.54 -7.09 -4.69
CA ASN A 73 -7.02 -8.10 -5.60
C ASN A 73 -6.02 -7.46 -6.57
N TYR A 74 -6.37 -6.31 -7.16
CA TYR A 74 -5.46 -5.69 -8.12
C TYR A 74 -4.15 -5.22 -7.48
N PHE A 75 -4.24 -4.72 -6.24
CA PHE A 75 -3.05 -4.26 -5.55
C PHE A 75 -2.14 -5.46 -5.27
N TRP A 76 -2.75 -6.59 -4.94
CA TRP A 76 -2.00 -7.73 -4.43
C TRP A 76 -1.43 -8.59 -5.57
N ASN A 77 -2.21 -8.72 -6.64
CA ASN A 77 -1.95 -9.74 -7.66
C ASN A 77 -0.67 -9.39 -8.43
N VAL A 78 0.37 -10.21 -8.29
CA VAL A 78 1.65 -9.85 -8.88
C VAL A 78 1.53 -9.81 -10.39
N ASP A 79 0.53 -10.52 -10.94
CA ASP A 79 0.48 -10.68 -12.37
C ASP A 79 0.09 -9.39 -13.07
N VAL A 80 -0.44 -8.39 -12.35
CA VAL A 80 -0.83 -7.14 -13.02
C VAL A 80 0.05 -6.00 -12.54
N ARG A 81 1.05 -6.33 -11.70
CA ARG A 81 1.89 -5.35 -11.03
C ARG A 81 2.48 -4.37 -12.05
N ASN A 82 3.00 -4.90 -13.17
CA ASN A 82 3.72 -4.08 -14.14
C ASN A 82 2.75 -3.22 -14.94
N ASP A 83 1.46 -3.46 -14.78
CA ASP A 83 0.49 -2.64 -15.48
C ASP A 83 0.25 -1.31 -14.79
N TRP A 84 0.60 -1.18 -13.49
CA TRP A 84 0.28 0.08 -12.81
C TRP A 84 1.51 0.69 -12.12
N GLU A 85 2.49 -0.15 -11.79
CA GLU A 85 3.67 0.27 -11.07
C GLU A 85 4.51 1.07 -12.04
N THR A 86 5.08 2.18 -11.56
CA THR A 86 5.97 2.94 -12.42
C THR A 86 7.36 3.12 -11.80
N THR A 87 7.56 2.67 -10.55
CA THR A 87 8.81 2.97 -9.88
C THR A 87 9.65 1.72 -9.66
N ILE A 88 9.20 0.58 -10.20
CA ILE A 88 9.85 -0.70 -9.97
C ILE A 88 10.80 -0.97 -11.13
N GLU A 89 12.04 -1.37 -10.83
CA GLU A 89 12.94 -1.82 -11.89
C GLU A 89 12.76 -3.32 -12.10
N ASN A 90 12.73 -4.10 -11.01
CA ASN A 90 12.65 -5.55 -11.11
C ASN A 90 11.85 -6.06 -9.91
N PHE A 91 11.12 -7.17 -10.06
CA PHE A 91 10.69 -7.87 -8.85
C PHE A 91 10.73 -9.38 -9.09
N HIS A 92 10.86 -10.12 -7.99
CA HIS A 92 10.85 -11.57 -8.05
C HIS A 92 10.00 -12.07 -6.89
N VAL A 93 9.09 -13.04 -7.12
CA VAL A 93 8.47 -13.72 -5.99
C VAL A 93 9.45 -14.71 -5.38
N VAL A 94 9.80 -14.49 -4.10
CA VAL A 94 10.81 -15.27 -3.44
C VAL A 94 10.21 -16.55 -2.84
N GLU A 95 8.98 -16.47 -2.36
CA GLU A 95 8.38 -17.62 -1.69
C GLU A 95 6.86 -17.48 -1.74
N THR A 96 6.17 -18.60 -1.96
CA THR A 96 4.72 -18.64 -1.85
C THR A 96 4.40 -19.22 -0.49
N LEU A 97 3.74 -18.43 0.38
CA LEU A 97 3.45 -18.95 1.71
C LEU A 97 2.07 -19.61 1.72
N ALA A 98 1.13 -19.05 0.98
CA ALA A 98 -0.26 -19.52 0.99
C ALA A 98 -0.94 -18.86 -0.19
N ASP A 99 -2.21 -19.16 -0.47
CA ASP A 99 -2.71 -18.56 -1.69
C ASP A 99 -3.03 -17.07 -1.50
N ASN A 100 -2.86 -16.55 -0.28
CA ASN A 100 -3.15 -15.15 -0.03
C ASN A 100 -1.89 -14.45 0.49
N ALA A 101 -0.73 -15.14 0.45
CA ALA A 101 0.49 -14.60 1.03
C ALA A 101 1.75 -15.07 0.30
N ILE A 102 2.56 -14.09 -0.09
CA ILE A 102 3.85 -14.31 -0.73
C ILE A 102 4.89 -13.35 -0.17
N ILE A 103 6.15 -13.69 -0.43
CA ILE A 103 7.29 -12.85 -0.09
C ILE A 103 7.93 -12.43 -1.41
N ILE A 104 8.18 -11.13 -1.52
CA ILE A 104 8.57 -10.51 -2.79
C ILE A 104 9.88 -9.77 -2.57
N TYR A 105 10.75 -9.84 -3.58
CA TYR A 105 11.92 -8.99 -3.62
C TYR A 105 11.73 -8.03 -4.80
N GLN A 106 12.03 -6.73 -4.60
CA GLN A 106 11.92 -5.81 -5.74
C GLN A 106 12.94 -4.70 -5.61
N THR A 107 13.32 -4.16 -6.77
CA THR A 107 14.24 -3.05 -6.82
C THR A 107 13.46 -1.85 -7.35
N HIS A 108 13.77 -0.68 -6.78
CA HIS A 108 13.16 0.57 -7.23
C HIS A 108 14.03 1.32 -8.23
N LYS A 109 13.39 1.95 -9.20
CA LYS A 109 14.17 2.80 -10.09
C LYS A 109 15.00 3.77 -9.26
N ARG A 110 16.23 4.03 -9.74
CA ARG A 110 17.12 4.92 -9.02
C ARG A 110 16.54 6.33 -9.05
N VAL A 111 16.62 7.03 -7.93
CA VAL A 111 16.23 8.43 -7.92
C VAL A 111 17.49 9.28 -7.69
N TRP A 112 18.06 9.83 -8.76
CA TRP A 112 19.29 10.60 -8.62
C TRP A 112 19.11 11.73 -7.61
N PRO A 113 20.10 11.95 -6.72
CA PRO A 113 21.38 11.27 -6.73
C PRO A 113 21.52 10.21 -5.63
N ALA A 114 20.39 9.67 -5.15
CA ALA A 114 20.47 8.67 -4.11
C ALA A 114 20.77 7.32 -4.76
N SER A 115 21.36 6.43 -3.98
CA SER A 115 21.60 5.08 -4.51
C SER A 115 20.28 4.32 -4.55
N GLN A 116 20.20 3.31 -5.43
CA GLN A 116 18.97 2.57 -5.63
C GLN A 116 18.61 1.84 -4.33
N ARG A 117 17.31 1.69 -4.09
CA ARG A 117 16.85 0.90 -2.95
C ARG A 117 16.26 -0.43 -3.45
N ASP A 118 16.40 -1.48 -2.62
CA ASP A 118 15.56 -2.66 -2.84
C ASP A 118 14.77 -2.96 -1.57
N VAL A 119 13.86 -3.92 -1.68
CA VAL A 119 12.93 -4.22 -0.61
C VAL A 119 12.68 -5.72 -0.64
N LEU A 120 12.42 -6.28 0.54
CA LEU A 120 12.06 -7.69 0.65
C LEU A 120 10.90 -7.77 1.64
N TYR A 121 9.73 -8.16 1.17
CA TYR A 121 8.57 -8.01 2.04
C TYR A 121 7.57 -9.15 1.82
N LEU A 122 6.81 -9.42 2.88
CA LEU A 122 5.67 -10.33 2.83
C LEU A 122 4.47 -9.51 2.40
N SER A 123 3.73 -10.02 1.43
CA SER A 123 2.53 -9.35 0.95
C SER A 123 1.34 -10.28 1.17
N VAL A 124 0.33 -9.79 1.89
CA VAL A 124 -0.80 -10.67 2.23
C VAL A 124 -2.09 -9.89 2.01
N ILE A 125 -3.10 -10.59 1.48
CA ILE A 125 -4.41 -9.99 1.31
C ILE A 125 -5.38 -10.73 2.25
N ARG A 126 -6.22 -9.96 2.96
CA ARG A 126 -7.14 -10.54 3.96
C ARG A 126 -8.49 -9.83 3.89
N LYS A 127 -9.57 -10.62 4.07
CA LYS A 127 -10.90 -10.08 4.34
C LYS A 127 -11.13 -10.06 5.85
N ILE A 128 -11.57 -8.91 6.39
CA ILE A 128 -11.88 -8.80 7.80
C ILE A 128 -13.39 -8.65 7.90
N PRO A 129 -14.12 -9.63 8.50
CA PRO A 129 -15.58 -9.58 8.48
C PRO A 129 -16.01 -8.41 9.35
N ALA A 130 -17.14 -7.81 8.98
CA ALA A 130 -17.85 -6.87 9.82
C ALA A 130 -18.06 -7.50 11.19
N LEU A 131 -17.54 -6.89 12.26
CA LEU A 131 -17.80 -7.39 13.60
C LEU A 131 -19.32 -7.46 13.82
N THR A 132 -20.00 -6.31 13.64
CA THR A 132 -21.44 -6.23 13.83
C THR A 132 -22.12 -5.89 12.50
N GLU A 133 -23.43 -6.14 12.41
CA GLU A 133 -24.13 -5.90 11.16
C GLU A 133 -24.12 -4.40 10.83
N ASN A 134 -23.59 -3.57 11.75
CA ASN A 134 -23.53 -2.12 11.60
C ASN A 134 -22.24 -1.67 10.93
N ASP A 135 -21.22 -2.53 10.94
CA ASP A 135 -19.90 -2.19 10.45
C ASP A 135 -19.76 -2.64 9.01
N PRO A 136 -18.88 -2.00 8.20
CA PRO A 136 -18.53 -2.52 6.87
C PRO A 136 -17.54 -3.66 7.06
N GLU A 137 -17.57 -4.65 6.16
CA GLU A 137 -16.39 -5.51 6.07
C GLU A 137 -15.25 -4.70 5.42
N THR A 138 -14.03 -5.15 5.67
CA THR A 138 -12.83 -4.50 5.18
C THR A 138 -12.01 -5.53 4.40
N TRP A 139 -11.51 -5.14 3.23
CA TRP A 139 -10.43 -5.89 2.61
C TRP A 139 -9.12 -5.13 2.89
N ILE A 140 -8.06 -5.86 3.19
CA ILE A 140 -6.78 -5.23 3.44
C ILE A 140 -5.67 -5.97 2.69
N VAL A 141 -4.70 -5.21 2.15
CA VAL A 141 -3.44 -5.80 1.79
C VAL A 141 -2.38 -5.19 2.69
N CYS A 142 -1.55 -6.05 3.27
CA CYS A 142 -0.43 -5.54 4.04
C CYS A 142 0.87 -6.04 3.42
N ASN A 143 1.80 -5.10 3.21
CA ASN A 143 3.12 -5.39 2.68
C ASN A 143 4.11 -4.96 3.75
N PHE A 144 4.85 -5.91 4.35
CA PHE A 144 5.77 -5.52 5.41
C PHE A 144 7.08 -6.29 5.30
N SER A 145 8.20 -5.59 5.54
CA SER A 145 9.50 -6.19 5.35
C SER A 145 9.69 -7.40 6.27
N VAL A 146 10.33 -8.44 5.74
CA VAL A 146 10.73 -9.61 6.50
C VAL A 146 12.15 -9.98 6.06
N ASP A 147 12.83 -10.77 6.88
CA ASP A 147 14.10 -11.37 6.51
C ASP A 147 13.87 -12.67 5.74
N HIS A 148 14.77 -13.00 4.82
CA HIS A 148 14.72 -14.24 4.06
C HIS A 148 16.12 -14.62 3.53
N ASP A 149 16.37 -15.92 3.35
CA ASP A 149 17.67 -16.41 2.91
C ASP A 149 17.85 -16.28 1.40
N SER A 150 16.76 -16.43 0.64
CA SER A 150 16.83 -16.35 -0.80
C SER A 150 16.81 -14.90 -1.28
N ALA A 151 17.16 -14.00 -0.34
CA ALA A 151 17.34 -12.59 -0.63
C ALA A 151 18.54 -12.46 -1.56
N PRO A 152 18.39 -11.82 -2.74
CA PRO A 152 19.52 -11.54 -3.61
C PRO A 152 20.58 -10.61 -3.02
N LEU A 153 21.84 -10.89 -3.34
CA LEU A 153 22.94 -9.95 -3.30
C LEU A 153 22.72 -8.93 -4.42
N ASN A 154 22.56 -7.65 -4.04
CA ASN A 154 22.44 -6.57 -5.01
C ASN A 154 23.28 -5.39 -4.48
N ASN A 155 24.50 -5.23 -5.01
CA ASN A 155 25.43 -4.27 -4.46
C ASN A 155 25.06 -2.86 -4.90
N ARG A 156 24.25 -2.74 -5.96
CA ARG A 156 23.79 -1.40 -6.33
C ARG A 156 22.75 -0.87 -5.35
N CYS A 157 22.18 -1.72 -4.48
CA CYS A 157 21.01 -1.26 -3.73
C CYS A 157 21.24 -1.19 -2.21
N VAL A 158 20.59 -0.21 -1.55
CA VAL A 158 20.43 -0.13 -0.11
C VAL A 158 19.07 -0.75 0.22
N ARG A 159 19.02 -1.54 1.29
CA ARG A 159 17.78 -2.26 1.58
C ARG A 159 16.83 -1.37 2.37
N ALA A 160 15.67 -1.05 1.78
CA ALA A 160 14.69 -0.27 2.52
C ALA A 160 13.81 -1.25 3.28
N LYS A 161 13.09 -0.75 4.29
CA LYS A 161 12.16 -1.55 5.06
C LYS A 161 10.82 -0.82 5.08
N ILE A 162 9.75 -1.56 4.91
CA ILE A 162 8.46 -0.95 4.67
C ILE A 162 7.44 -1.66 5.54
N ASN A 163 6.37 -0.90 5.79
CA ASN A 163 5.15 -1.42 6.36
C ASN A 163 4.04 -0.61 5.71
N VAL A 164 3.36 -1.22 4.74
CA VAL A 164 2.37 -0.56 3.90
C VAL A 164 1.06 -1.31 4.10
N ALA A 165 -0.07 -0.58 4.11
CA ALA A 165 -1.35 -1.26 4.05
C ALA A 165 -2.27 -0.44 3.17
N MET A 166 -3.04 -1.17 2.38
CA MET A 166 -4.13 -0.65 1.57
C MET A 166 -5.41 -1.25 2.14
N ILE A 167 -6.27 -0.41 2.71
CA ILE A 167 -7.39 -0.89 3.53
C ILE A 167 -8.64 -0.32 2.87
N CYS A 168 -9.60 -1.20 2.54
CA CYS A 168 -10.70 -0.79 1.70
C CYS A 168 -12.04 -1.18 2.32
N GLN A 169 -12.98 -0.21 2.37
CA GLN A 169 -14.35 -0.48 2.76
C GLN A 169 -15.25 -0.06 1.61
N THR A 170 -16.33 -0.80 1.38
CA THR A 170 -17.12 -0.57 0.18
C THR A 170 -18.51 -0.13 0.62
N LEU A 171 -19.03 0.92 -0.02
CA LEU A 171 -20.37 1.43 0.25
C LEU A 171 -21.19 1.12 -0.98
N VAL A 172 -22.40 0.60 -0.76
CA VAL A 172 -23.32 0.35 -1.85
C VAL A 172 -24.56 1.19 -1.66
N SER A 173 -24.98 1.86 -2.73
CA SER A 173 -26.05 2.84 -2.68
C SER A 173 -27.18 2.42 -3.63
N GLU A 180 -30.64 -5.00 -9.45
CA GLU A 180 -29.25 -5.32 -9.75
C GLU A 180 -28.40 -4.12 -9.36
N ILE A 181 -27.47 -4.32 -8.42
CA ILE A 181 -26.50 -3.30 -8.06
C ILE A 181 -25.62 -3.04 -9.27
N SER A 182 -25.45 -1.76 -9.63
CA SER A 182 -24.51 -1.46 -10.71
C SER A 182 -23.31 -0.69 -10.17
N ARG A 183 -22.26 -0.60 -11.00
CA ARG A 183 -21.04 0.07 -10.58
C ARG A 183 -21.33 1.53 -10.27
N ASP A 184 -22.35 2.08 -10.94
CA ASP A 184 -22.81 3.43 -10.68
C ASP A 184 -23.09 3.60 -9.19
N ASN A 185 -23.39 2.51 -8.47
CA ASN A 185 -23.89 2.72 -7.12
C ASN A 185 -22.88 2.30 -6.06
N ILE A 186 -21.65 2.00 -6.49
CA ILE A 186 -20.68 1.52 -5.52
C ILE A 186 -19.53 2.52 -5.37
N LEU A 187 -19.08 2.73 -4.13
CA LEU A 187 -17.93 3.58 -3.84
C LEU A 187 -16.95 2.78 -2.97
N CYS A 188 -15.64 2.82 -3.29
CA CYS A 188 -14.67 2.16 -2.43
C CYS A 188 -13.88 3.23 -1.66
N LYS A 189 -13.98 3.17 -0.33
CA LYS A 189 -13.23 4.06 0.54
C LYS A 189 -11.91 3.39 0.89
N ILE A 190 -10.81 4.06 0.55
CA ILE A 190 -9.46 3.56 0.75
C ILE A 190 -8.78 4.38 1.84
N THR A 191 -8.17 3.68 2.78
CA THR A 191 -7.08 4.23 3.54
C THR A 191 -5.80 3.50 3.13
N TYR A 192 -4.77 4.28 2.77
CA TYR A 192 -3.49 3.74 2.38
C TYR A 192 -2.44 4.35 3.30
N VAL A 193 -1.66 3.49 3.95
CA VAL A 193 -0.58 3.99 4.78
C VAL A 193 0.74 3.37 4.33
N ALA A 194 1.83 4.15 4.41
CA ALA A 194 3.13 3.60 4.05
C ALA A 194 4.13 4.16 5.03
N ASN A 195 4.80 3.28 5.78
CA ASN A 195 5.90 3.69 6.62
C ASN A 195 7.18 3.09 6.05
N VAL A 196 8.07 3.95 5.55
CA VAL A 196 9.20 3.47 4.79
C VAL A 196 10.47 3.96 5.45
N ASN A 197 11.34 3.01 5.83
CA ASN A 197 12.69 3.34 6.24
C ASN A 197 13.58 3.14 5.01
N PRO A 198 14.12 4.22 4.38
CA PRO A 198 14.86 4.06 3.13
C PRO A 198 16.22 3.41 3.34
N GLY A 199 16.60 3.26 4.61
CA GLY A 199 17.95 2.86 4.92
C GLY A 199 18.99 3.89 4.49
N GLY A 200 20.22 3.53 4.86
CA GLY A 200 21.41 4.23 4.45
C GLY A 200 21.24 5.70 4.73
N TRP A 201 21.82 6.50 3.86
CA TRP A 201 21.50 7.90 3.92
C TRP A 201 20.95 8.21 2.56
N ALA A 202 19.96 9.10 2.50
CA ALA A 202 19.61 9.71 1.23
C ALA A 202 19.31 11.16 1.59
N PRO A 203 19.45 12.13 0.66
CA PRO A 203 19.22 13.54 1.02
C PRO A 203 17.78 13.65 1.43
N ALA A 204 17.55 14.37 2.55
CA ALA A 204 16.20 14.52 3.05
C ALA A 204 15.35 15.16 1.96
N SER A 205 15.89 16.19 1.25
CA SER A 205 15.05 16.88 0.26
C SER A 205 14.59 15.90 -0.82
N VAL A 206 15.46 14.96 -1.19
CA VAL A 206 15.15 14.00 -2.25
C VAL A 206 14.03 13.07 -1.78
N LEU A 207 14.18 12.48 -0.60
CA LEU A 207 13.17 11.57 -0.08
C LEU A 207 11.82 12.28 -0.02
N ARG A 208 11.81 13.55 0.42
CA ARG A 208 10.53 14.21 0.57
C ARG A 208 9.94 14.53 -0.80
N ALA A 209 10.78 14.90 -1.75
CA ALA A 209 10.27 15.21 -3.06
C ALA A 209 9.73 13.94 -3.73
N VAL A 210 10.44 12.81 -3.58
CA VAL A 210 9.94 11.57 -4.15
C VAL A 210 8.56 11.27 -3.55
N ALA A 211 8.44 11.29 -2.20
CA ALA A 211 7.17 10.97 -1.57
C ALA A 211 6.07 11.90 -2.07
N LYS A 212 6.40 13.19 -2.14
CA LYS A 212 5.33 14.14 -2.45
C LYS A 212 4.84 13.95 -3.88
N ARG A 213 5.75 13.58 -4.79
CA ARG A 213 5.41 13.41 -6.20
C ARG A 213 4.76 12.04 -6.40
N GLU A 214 5.39 10.98 -5.87
CA GLU A 214 5.09 9.63 -6.31
C GLU A 214 3.85 9.09 -5.58
N TYR A 215 3.56 9.48 -4.33
CA TYR A 215 2.40 8.83 -3.70
C TYR A 215 1.06 9.22 -4.35
N PRO A 216 0.81 10.52 -4.61
CA PRO A 216 -0.41 10.95 -5.31
C PRO A 216 -0.48 10.37 -6.72
N LYS A 217 0.67 10.26 -7.40
CA LYS A 217 0.73 9.73 -8.74
C LYS A 217 0.33 8.25 -8.74
N PHE A 218 0.81 7.54 -7.73
CA PHE A 218 0.47 6.13 -7.58
C PHE A 218 -1.04 5.97 -7.32
N LEU A 219 -1.57 6.75 -6.38
CA LEU A 219 -2.95 6.54 -5.94
C LEU A 219 -3.88 6.86 -7.12
N LYS A 220 -3.60 7.96 -7.82
CA LYS A 220 -4.39 8.32 -8.99
C LYS A 220 -4.24 7.22 -10.05
N ARG A 221 -3.01 6.81 -10.31
CA ARG A 221 -2.79 5.87 -11.41
C ARG A 221 -3.42 4.52 -11.09
N PHE A 222 -3.10 4.02 -9.91
CA PHE A 222 -3.55 2.70 -9.50
C PHE A 222 -5.08 2.65 -9.43
N THR A 223 -5.74 3.62 -8.79
CA THR A 223 -7.18 3.57 -8.69
C THR A 223 -7.84 3.63 -10.06
N SER A 224 -7.27 4.45 -10.98
CA SER A 224 -7.84 4.59 -12.32
C SER A 224 -7.70 3.29 -13.08
N TYR A 225 -6.58 2.61 -12.86
CA TYR A 225 -6.35 1.31 -13.44
C TYR A 225 -7.44 0.34 -12.99
N VAL A 226 -7.79 0.36 -11.69
CA VAL A 226 -8.76 -0.64 -11.22
C VAL A 226 -10.13 -0.31 -11.83
N GLN A 227 -10.45 0.98 -11.91
CA GLN A 227 -11.71 1.38 -12.52
C GLN A 227 -11.74 0.89 -13.96
N GLU A 228 -10.63 1.08 -14.68
CA GLU A 228 -10.60 0.75 -16.10
C GLU A 228 -10.67 -0.77 -16.32
N LYS A 229 -9.95 -1.55 -15.50
CA LYS A 229 -9.97 -2.99 -15.72
C LYS A 229 -11.29 -3.63 -15.30
N THR A 230 -12.04 -3.00 -14.40
CA THR A 230 -13.22 -3.68 -13.87
C THR A 230 -14.48 -3.25 -14.62
N ALA A 231 -14.43 -2.12 -15.34
CA ALA A 231 -15.64 -1.56 -15.92
C ALA A 231 -16.23 -2.60 -16.86
N GLY A 232 -17.55 -2.79 -16.79
CA GLY A 232 -18.17 -3.81 -17.64
C GLY A 232 -17.86 -5.24 -17.23
N LYS A 233 -17.32 -5.44 -16.01
CA LYS A 233 -17.22 -6.80 -15.50
C LYS A 233 -18.23 -6.92 -14.39
N PRO A 234 -18.71 -8.15 -14.09
CA PRO A 234 -19.62 -8.36 -12.97
C PRO A 234 -18.85 -7.95 -11.72
N ILE A 235 -19.56 -7.34 -10.77
CA ILE A 235 -18.95 -6.83 -9.56
C ILE A 235 -18.53 -7.98 -8.64
N LEU A 236 -17.24 -7.98 -8.30
CA LEU A 236 -16.69 -8.90 -7.31
C LEU A 236 -16.72 -8.23 -5.93
N PHE A 237 -17.79 -8.46 -5.17
CA PHE A 237 -17.85 -7.91 -3.82
C PHE A 237 -16.89 -8.65 -2.86
C12 A59 B . 6.53 -0.78 -1.57
C13 A59 B . 9.83 5.89 -1.16
C14 A59 B . 9.02 6.65 -1.95
C15 A59 B . 6.31 5.35 -4.92
C17 A59 B . 6.73 6.66 -2.92
C18 A59 B . 8.06 6.22 -2.94
C19 A59 B . 7.66 4.94 -4.86
C20 A59 B . 3.39 -1.47 -3.65
N1 A59 B . 8.51 5.37 -3.92
C5 A59 B . 8.82 3.58 -1.35
C6 A59 B . 8.99 2.16 -1.42
C7 A59 B . 5.34 -0.06 -1.78
C9 A59 B . 6.56 2.00 -1.75
O2 A59 B . 3.90 -1.97 -1.02
S1 A59 B . 3.76 -0.88 -1.93
O1 A59 B . 2.74 0.19 -1.80
C21 A59 B . 4.45 -2.50 -4.05
O3 A59 B . 5.53 -1.80 -4.68
C11 A59 B . 7.78 -0.08 -1.47
C10 A59 B . 7.77 1.33 -1.56
C8 A59 B . 5.33 1.32 -1.89
C1 A59 B . 10.23 1.57 -1.27
C23 A59 B . 11.36 2.41 -1.09
C3 A59 B . 11.21 3.80 -1.05
C24 A59 B . 12.44 4.66 -0.81
C25 A59 B . 13.08 5.16 -2.11
C26 A59 B . 14.39 5.89 -1.71
C27 A59 B . 14.70 6.84 -2.88
C28 A59 B . 16.08 7.52 -2.68
C4 A59 B . 9.96 4.40 -1.17
C16 A59 B . 5.87 6.21 -3.90
#